data_8YQE
#
_entry.id   8YQE
#
_cell.length_a   53.754
_cell.length_b   72.042
_cell.length_c   72.737
_cell.angle_alpha   90.00
_cell.angle_beta   90.00
_cell.angle_gamma   90.00
#
_symmetry.space_group_name_H-M   'P 21 21 21'
#
loop_
_entity.id
_entity.type
_entity.pdbx_description
1 polymer 'Cyclin-dependent kinase 2'
2 non-polymer 4-[[2,6-bis(fluoranyl)-3-(oxan-4-yl)phenyl]carbonylamino]-~{N}-(1-ethylsulfonylpiperidin-4-yl)-1~{H}-pyrazole-5-carboxamide
3 water water
#
_entity_poly.entity_id   1
_entity_poly.type   'polypeptide(L)'
_entity_poly.pdbx_seq_one_letter_code
;GPLGSMENFQKVEKIGEGTYGVVYKARNKLTGEVVALKKIRLDTETEGVPSTAIREISLLKELNHPNIVKLLDVIHTENK
LYLVFEFLHQDLKKFMDASALTGIPLPLIKSYLFQLLQGLAFCHSHRVLHRDLKPQNLLINTEGAIKLADFGLARAFGVP
VRTYTHEVVTLWYRAPEILLGCKYYSTAVDIWSLGCIFAEMVTRRALFPGDSEIDQLFRIFRTLGTPDEVVWPGVTSMPD
YKPSFPKWARQDFSKVVPPLDEDGRSLLSQMLHYDPNKRISAKAALAHPFFQDVTKPVPHLRL
;
_entity_poly.pdbx_strand_id   A
#
loop_
_chem_comp.id
_chem_comp.type
_chem_comp.name
_chem_comp.formula
A1D60 non-polymer 4-[[2,6-bis(fluoranyl)-3-(oxan-4-yl)phenyl]carbonylamino]-~{N}-(1-ethylsulfonylpiperidin-4-yl)-1~{H}-pyrazole-5-carboxamide 'C23 H29 F2 N5 O5 S'
#
# COMPACT_ATOMS: atom_id res chain seq x y z
N GLY A 1 -24.25 14.44 -11.15
CA GLY A 1 -24.84 14.68 -12.45
C GLY A 1 -26.19 14.01 -12.64
N PRO A 2 -26.32 13.25 -13.72
CA PRO A 2 -27.63 12.80 -14.19
C PRO A 2 -28.07 11.53 -13.45
N LEU A 3 -29.26 11.04 -13.81
CA LEU A 3 -29.95 9.97 -13.12
C LEU A 3 -29.85 8.64 -13.86
N GLY A 4 -30.02 7.55 -13.11
CA GLY A 4 -30.25 6.22 -13.67
C GLY A 4 -29.02 5.52 -14.23
N SER A 5 -27.83 6.14 -14.14
CA SER A 5 -26.63 5.60 -14.76
C SER A 5 -26.12 4.33 -14.09
N MET A 6 -26.54 4.04 -12.86
CA MET A 6 -26.08 2.85 -12.15
C MET A 6 -27.13 1.74 -12.11
N GLU A 7 -28.23 1.88 -12.85
CA GLU A 7 -29.30 0.89 -12.78
C GLU A 7 -28.86 -0.48 -13.30
N ASN A 8 -27.82 -0.53 -14.15
CA ASN A 8 -27.32 -1.81 -14.65
C ASN A 8 -26.63 -2.63 -13.57
N PHE A 9 -26.38 -2.07 -12.39
CA PHE A 9 -25.64 -2.77 -11.34
C PHE A 9 -26.56 -3.06 -10.17
N GLN A 10 -26.50 -4.29 -9.69
CA GLN A 10 -27.27 -4.74 -8.54
C GLN A 10 -26.30 -4.90 -7.39
N LYS A 11 -26.46 -4.10 -6.35
CA LYS A 11 -25.60 -4.24 -5.18
C LYS A 11 -25.94 -5.52 -4.44
N VAL A 12 -24.94 -6.35 -4.18
CA VAL A 12 -25.18 -7.58 -3.45
C VAL A 12 -24.69 -7.52 -2.01
N GLU A 13 -23.63 -6.78 -1.71
CA GLU A 13 -23.33 -6.50 -0.31
C GLU A 13 -22.45 -5.26 -0.20
N LYS A 14 -22.61 -4.55 0.91
CA LYS A 14 -21.70 -3.48 1.27
C LYS A 14 -20.49 -4.11 1.93
N ILE A 15 -19.32 -3.99 1.30
CA ILE A 15 -18.12 -4.60 1.87
C ILE A 15 -17.56 -3.75 2.99
N GLY A 16 -17.52 -2.43 2.80
CA GLY A 16 -16.98 -1.58 3.84
C GLY A 16 -17.23 -0.13 3.49
N GLU A 17 -16.87 0.73 4.44
CA GLU A 17 -16.95 2.17 4.24
C GLU A 17 -15.94 2.84 5.15
N GLY A 18 -15.57 4.07 4.78
CA GLY A 18 -14.57 4.79 5.55
C GLY A 18 -14.18 6.06 4.83
N THR A 19 -12.96 6.52 5.12
CA THR A 19 -12.49 7.79 4.57
C THR A 19 -12.41 7.74 3.05
N TYR A 20 -12.26 6.55 2.48
CA TYR A 20 -12.16 6.38 1.03
C TYR A 20 -13.52 6.43 0.34
N GLY A 21 -14.63 6.35 1.10
CA GLY A 21 -15.96 6.21 0.54
C GLY A 21 -16.59 4.90 0.98
N VAL A 22 -17.33 4.28 0.06
CA VAL A 22 -18.01 3.01 0.31
C VAL A 22 -17.59 2.01 -0.76
N VAL A 23 -17.44 0.75 -0.37
CA VAL A 23 -17.13 -0.34 -1.30
C VAL A 23 -18.26 -1.36 -1.27
N TYR A 24 -18.80 -1.69 -2.45
CA TYR A 24 -19.83 -2.71 -2.59
C TYR A 24 -19.33 -3.86 -3.46
N LYS A 25 -19.88 -5.05 -3.21
CA LYS A 25 -19.86 -6.12 -4.21
C LYS A 25 -21.14 -5.98 -5.03
N ALA A 26 -21.02 -6.04 -6.36
CA ALA A 26 -22.16 -5.82 -7.23
C ALA A 26 -22.14 -6.80 -8.40
N ARG A 27 -23.31 -6.95 -9.01
CA ARG A 27 -23.47 -7.76 -10.22
C ARG A 27 -24.05 -6.88 -11.33
N ASN A 28 -23.41 -6.92 -12.49
CA ASN A 28 -23.99 -6.33 -13.70
C ASN A 28 -25.21 -7.15 -14.15
N LYS A 29 -26.41 -6.54 -14.12
CA LYS A 29 -27.63 -7.32 -14.35
C LYS A 29 -27.73 -7.81 -15.79
N LEU A 30 -27.10 -7.12 -16.73
CA LEU A 30 -27.21 -7.48 -18.14
C LEU A 30 -26.12 -8.45 -18.57
N THR A 31 -24.90 -8.30 -18.05
CA THR A 31 -23.79 -9.17 -18.44
C THR A 31 -23.50 -10.26 -17.41
N GLY A 32 -24.04 -10.15 -16.21
CA GLY A 32 -23.76 -11.11 -15.18
C GLY A 32 -22.44 -10.95 -14.48
N GLU A 33 -21.62 -9.95 -14.83
CA GLU A 33 -20.30 -9.84 -14.21
C GLU A 33 -20.40 -9.44 -12.75
N VAL A 34 -19.53 -10.05 -11.92
CA VAL A 34 -19.37 -9.68 -10.52
C VAL A 34 -18.18 -8.74 -10.44
N VAL A 35 -18.38 -7.55 -9.85
CA VAL A 35 -17.40 -6.49 -9.79
C VAL A 35 -17.41 -5.91 -8.38
N ALA A 36 -16.40 -5.10 -8.07
CA ALA A 36 -16.45 -4.24 -6.91
C ALA A 36 -16.88 -2.85 -7.38
N LEU A 37 -17.70 -2.18 -6.56
CA LEU A 37 -18.08 -0.78 -6.81
C LEU A 37 -17.55 0.11 -5.69
N LYS A 38 -16.81 1.14 -6.05
CA LYS A 38 -16.42 2.16 -5.07
C LYS A 38 -17.30 3.39 -5.30
N LYS A 39 -17.93 3.87 -4.22
CA LYS A 39 -18.81 5.03 -4.30
C LYS A 39 -18.17 6.20 -3.57
N ILE A 40 -18.00 7.30 -4.28
CA ILE A 40 -17.46 8.55 -3.72
C ILE A 40 -18.58 9.58 -3.75
N ARG A 41 -18.87 10.17 -2.60
CA ARG A 41 -19.90 11.18 -2.55
C ARG A 41 -19.30 12.55 -2.88
N LEU A 42 -20.02 13.30 -3.70
CA LEU A 42 -19.59 14.62 -4.14
C LEU A 42 -20.36 15.72 -3.42
N PRO A 50 -13.67 17.03 -10.17
CA PRO A 50 -12.50 17.92 -10.08
C PRO A 50 -11.49 17.59 -11.17
N SER A 51 -11.13 18.64 -11.92
CA SER A 51 -10.37 18.47 -13.15
C SER A 51 -9.11 17.64 -12.93
N THR A 52 -8.35 17.94 -11.86
CA THR A 52 -7.17 17.13 -11.55
C THR A 52 -7.54 15.66 -11.37
N ALA A 53 -8.59 15.40 -10.59
CA ALA A 53 -8.96 14.01 -10.31
C ALA A 53 -9.41 13.26 -11.56
N ILE A 54 -10.10 13.97 -12.47
CA ILE A 54 -10.50 13.35 -13.74
C ILE A 54 -9.27 12.91 -14.53
N ARG A 55 -8.25 13.76 -14.60
CA ARG A 55 -7.05 13.37 -15.32
C ARG A 55 -6.33 12.23 -14.61
N GLU A 56 -6.22 12.33 -13.28
CA GLU A 56 -5.56 11.28 -12.51
C GLU A 56 -6.26 9.95 -12.69
N ILE A 57 -7.59 9.95 -12.54
CA ILE A 57 -8.35 8.71 -12.65
C ILE A 57 -8.30 8.18 -14.08
N SER A 58 -8.31 9.07 -15.07
CA SER A 58 -8.23 8.59 -16.45
C SER A 58 -6.91 7.88 -16.71
N LEU A 59 -5.81 8.42 -16.19
CA LEU A 59 -4.52 7.75 -16.38
C LEU A 59 -4.53 6.38 -15.70
N LEU A 60 -5.13 6.30 -14.51
CA LEU A 60 -5.16 5.03 -13.79
C LEU A 60 -5.93 3.96 -14.58
N LYS A 61 -7.01 4.35 -15.26
CA LYS A 61 -7.78 3.39 -16.04
C LYS A 61 -6.94 2.77 -17.15
N GLU A 62 -5.97 3.52 -17.67
CA GLU A 62 -5.08 3.01 -18.71
C GLU A 62 -3.98 2.11 -18.17
N LEU A 63 -3.70 2.13 -16.86
CA LEU A 63 -2.60 1.35 -16.29
C LEU A 63 -3.02 -0.09 -16.14
N ASN A 64 -2.58 -0.96 -17.03
CA ASN A 64 -3.03 -2.33 -16.95
C ASN A 64 -1.82 -3.21 -16.68
N HIS A 65 -1.88 -3.99 -15.60
CA HIS A 65 -0.77 -4.75 -15.04
C HIS A 65 -1.33 -5.89 -14.21
N PRO A 66 -0.74 -7.09 -14.29
CA PRO A 66 -1.25 -8.24 -13.49
C PRO A 66 -1.38 -7.95 -12.00
N ASN A 67 -0.58 -7.04 -11.46
CA ASN A 67 -0.56 -6.79 -10.02
C ASN A 67 -1.21 -5.46 -9.65
N ILE A 68 -2.08 -4.94 -10.51
CA ILE A 68 -2.91 -3.77 -10.22
C ILE A 68 -4.36 -4.15 -10.47
N VAL A 69 -5.22 -3.93 -9.47
CA VAL A 69 -6.64 -4.20 -9.62
C VAL A 69 -7.15 -3.39 -10.81
N LYS A 70 -7.78 -4.07 -11.76
CA LYS A 70 -8.18 -3.36 -12.98
C LYS A 70 -9.39 -2.48 -12.70
N LEU A 71 -9.27 -1.20 -13.08
CA LEU A 71 -10.39 -0.26 -13.05
C LEU A 71 -11.13 -0.36 -14.37
N LEU A 72 -12.39 -0.80 -14.31
CA LEU A 72 -13.19 -1.16 -15.47
C LEU A 72 -13.98 0.01 -16.05
N ASP A 73 -14.57 0.84 -15.18
CA ASP A 73 -15.42 1.93 -15.66
C ASP A 73 -15.53 2.97 -14.57
N VAL A 74 -15.91 4.18 -14.99
CA VAL A 74 -16.07 5.33 -14.12
C VAL A 74 -17.40 5.98 -14.48
N ILE A 75 -18.30 6.09 -13.51
CA ILE A 75 -19.69 6.48 -13.77
C ILE A 75 -20.09 7.56 -12.79
N HIS A 76 -20.51 8.71 -13.32
CA HIS A 76 -20.94 9.87 -12.54
C HIS A 76 -22.45 9.95 -12.58
N THR A 77 -23.10 9.73 -11.44
CA THR A 77 -24.56 9.85 -11.35
C THR A 77 -24.95 10.53 -10.05
N GLU A 78 -25.96 11.41 -10.15
CA GLU A 78 -26.43 12.19 -9.02
C GLU A 78 -25.26 12.89 -8.34
N ASN A 79 -25.21 12.87 -7.01
CA ASN A 79 -24.08 13.46 -6.28
C ASN A 79 -23.01 12.42 -5.97
N LYS A 80 -22.76 11.50 -6.90
CA LYS A 80 -21.89 10.38 -6.60
C LYS A 80 -20.99 10.09 -7.79
N LEU A 81 -19.81 9.57 -7.52
CA LEU A 81 -18.93 9.04 -8.53
C LEU A 81 -18.67 7.58 -8.19
N TYR A 82 -18.91 6.69 -9.15
CA TYR A 82 -18.75 5.26 -8.95
C TYR A 82 -17.58 4.78 -9.80
N LEU A 83 -16.72 3.96 -9.18
CA LEU A 83 -15.59 3.33 -9.85
C LEU A 83 -15.84 1.83 -9.84
N VAL A 84 -15.82 1.22 -11.02
CA VAL A 84 -16.12 -0.21 -11.18
C VAL A 84 -14.79 -0.96 -11.32
N PHE A 85 -14.53 -1.90 -10.41
CA PHE A 85 -13.26 -2.63 -10.38
C PHE A 85 -13.48 -4.13 -10.55
N GLU A 86 -12.52 -4.80 -11.20
CA GLU A 86 -12.49 -6.26 -11.15
C GLU A 86 -12.51 -6.73 -9.71
N PHE A 87 -13.29 -7.78 -9.44
CA PHE A 87 -13.52 -8.24 -8.07
C PHE A 87 -12.45 -9.24 -7.65
N LEU A 88 -11.94 -9.09 -6.43
CA LEU A 88 -11.11 -10.12 -5.79
C LEU A 88 -11.69 -10.41 -4.42
N HIS A 89 -11.55 -11.66 -3.96
CA HIS A 89 -12.38 -12.15 -2.87
C HIS A 89 -11.83 -11.90 -1.47
N GLN A 90 -10.56 -11.49 -1.33
CA GLN A 90 -9.96 -11.38 0.00
C GLN A 90 -8.79 -10.40 -0.05
N ASP A 91 -8.55 -9.73 1.08
CA ASP A 91 -7.39 -8.85 1.17
C ASP A 91 -6.30 -9.46 2.04
N LEU A 92 -5.12 -8.83 2.02
CA LEU A 92 -3.99 -9.38 2.74
C LEU A 92 -4.18 -9.33 4.25
N LYS A 93 -4.86 -8.30 4.74
CA LYS A 93 -5.15 -8.23 6.17
C LYS A 93 -5.90 -9.48 6.66
N LYS A 94 -6.99 -9.86 5.99
CA LYS A 94 -7.70 -11.07 6.41
C LYS A 94 -6.81 -12.31 6.28
N PHE A 95 -6.02 -12.38 5.21
CA PHE A 95 -5.17 -13.56 5.01
C PHE A 95 -4.10 -13.65 6.09
N MET A 96 -3.51 -12.51 6.48
CA MET A 96 -2.53 -12.53 7.57
C MET A 96 -3.19 -12.95 8.88
N ASP A 97 -4.38 -12.42 9.17
CA ASP A 97 -5.10 -12.83 10.37
C ASP A 97 -5.36 -14.32 10.38
N ALA A 98 -5.89 -14.85 9.25
CA ALA A 98 -6.14 -16.28 9.12
C ALA A 98 -4.87 -17.12 9.27
N SER A 99 -3.71 -16.56 8.94
CA SER A 99 -2.44 -17.29 8.98
C SER A 99 -1.65 -17.03 10.25
N ALA A 100 -2.25 -16.35 11.23
CA ALA A 100 -1.49 -15.77 12.34
C ALA A 100 -0.89 -16.83 13.25
N LEU A 101 -1.50 -18.03 13.30
CA LEU A 101 -1.01 -19.05 14.21
C LEU A 101 0.22 -19.75 13.65
N THR A 102 0.27 -19.90 12.33
CA THR A 102 1.32 -20.63 11.64
C THR A 102 2.31 -19.74 10.92
N GLY A 103 1.96 -18.48 10.65
CA GLY A 103 2.73 -17.65 9.75
C GLY A 103 2.45 -17.96 8.28
N ILE A 104 2.51 -16.95 7.44
CA ILE A 104 2.55 -17.19 5.99
C ILE A 104 3.91 -17.77 5.64
N PRO A 105 3.97 -18.91 4.95
CA PRO A 105 5.27 -19.50 4.60
C PRO A 105 6.12 -18.50 3.83
N LEU A 106 7.42 -18.52 4.10
CA LEU A 106 8.32 -17.56 3.44
C LEU A 106 8.21 -17.57 1.92
N PRO A 107 8.12 -18.72 1.21
CA PRO A 107 7.99 -18.65 -0.26
C PRO A 107 6.79 -17.83 -0.70
N LEU A 108 5.72 -17.80 0.08
CA LEU A 108 4.55 -17.03 -0.34
C LEU A 108 4.70 -15.55 0.01
N ILE A 109 5.30 -15.26 1.17
CA ILE A 109 5.71 -13.88 1.49
C ILE A 109 6.56 -13.32 0.36
N LYS A 110 7.60 -14.07 -0.04
CA LYS A 110 8.52 -13.60 -1.06
C LYS A 110 7.82 -13.40 -2.40
N SER A 111 6.90 -14.33 -2.74
CA SER A 111 6.12 -14.18 -3.97
C SER A 111 5.29 -12.90 -3.94
N TYR A 112 4.55 -12.68 -2.85
CA TYR A 112 3.73 -11.48 -2.72
C TYR A 112 4.58 -10.23 -2.80
N LEU A 113 5.72 -10.22 -2.08
CA LEU A 113 6.59 -9.05 -2.08
C LEU A 113 7.13 -8.78 -3.48
N PHE A 114 7.59 -9.82 -4.15
CA PHE A 114 8.07 -9.70 -5.53
C PHE A 114 7.00 -9.11 -6.44
N GLN A 115 5.79 -9.71 -6.44
CA GLN A 115 4.72 -9.23 -7.30
C GLN A 115 4.35 -7.79 -7.01
N LEU A 116 4.32 -7.40 -5.73
CA LEU A 116 3.98 -6.01 -5.42
C LEU A 116 5.07 -5.05 -5.89
N LEU A 117 6.33 -5.46 -5.82
CA LEU A 117 7.39 -4.65 -6.39
C LEU A 117 7.28 -4.54 -7.90
N GLN A 118 6.81 -5.60 -8.57
CA GLN A 118 6.57 -5.48 -10.01
C GLN A 118 5.48 -4.46 -10.29
N GLY A 119 4.35 -4.57 -9.58
CA GLY A 119 3.29 -3.58 -9.74
C GLY A 119 3.76 -2.16 -9.46
N LEU A 120 4.55 -1.98 -8.39
CA LEU A 120 5.07 -0.66 -8.05
C LEU A 120 6.05 -0.13 -9.09
N ALA A 121 7.00 -0.96 -9.53
CA ALA A 121 7.94 -0.51 -10.55
C ALA A 121 7.18 -0.05 -11.79
N PHE A 122 6.10 -0.76 -12.14
CA PHE A 122 5.29 -0.36 -13.28
C PHE A 122 4.62 0.99 -13.06
N CYS A 123 3.88 1.13 -11.94
CA CYS A 123 3.27 2.41 -11.58
C CYS A 123 4.30 3.52 -11.56
N HIS A 124 5.42 3.28 -10.87
CA HIS A 124 6.40 4.33 -10.68
C HIS A 124 7.07 4.72 -11.98
N SER A 125 7.22 3.79 -12.92
CA SER A 125 7.77 4.17 -14.22
C SER A 125 6.85 5.13 -14.97
N HIS A 126 5.57 5.19 -14.61
CA HIS A 126 4.63 6.17 -15.13
C HIS A 126 4.47 7.36 -14.22
N ARG A 127 5.35 7.50 -13.23
CA ARG A 127 5.29 8.54 -12.21
C ARG A 127 3.95 8.51 -11.43
N VAL A 128 3.38 7.33 -11.26
CA VAL A 128 2.13 7.16 -10.51
C VAL A 128 2.49 6.63 -9.13
N LEU A 129 1.99 7.29 -8.09
CA LEU A 129 2.25 6.88 -6.71
C LEU A 129 0.97 6.26 -6.16
N HIS A 130 1.14 5.26 -5.29
CA HIS A 130 -0.03 4.71 -4.61
C HIS A 130 -0.41 5.56 -3.40
N ARG A 131 0.59 5.93 -2.58
CA ARG A 131 0.46 6.83 -1.43
C ARG A 131 -0.17 6.20 -0.18
N ASP A 132 -0.91 5.11 -0.33
CA ASP A 132 -1.79 4.65 0.74
C ASP A 132 -1.65 3.16 1.00
N LEU A 133 -0.45 2.60 0.84
CA LEU A 133 -0.30 1.15 0.88
C LEU A 133 -0.47 0.65 2.30
N LYS A 134 -1.26 -0.41 2.44
CA LYS A 134 -1.42 -1.13 3.70
C LYS A 134 -2.02 -2.48 3.36
N PRO A 135 -1.99 -3.45 4.29
CA PRO A 135 -2.57 -4.77 3.98
C PRO A 135 -3.98 -4.73 3.40
N GLN A 136 -4.83 -3.81 3.85
CA GLN A 136 -6.20 -3.79 3.32
C GLN A 136 -6.30 -3.21 1.91
N ASN A 137 -5.20 -2.65 1.38
CA ASN A 137 -5.18 -2.20 0.00
C ASN A 137 -4.60 -3.24 -0.94
N LEU A 138 -4.36 -4.46 -0.45
CA LEU A 138 -3.74 -5.51 -1.24
C LEU A 138 -4.70 -6.68 -1.31
N LEU A 139 -5.12 -7.04 -2.52
CA LEU A 139 -6.15 -8.06 -2.73
C LEU A 139 -5.52 -9.31 -3.35
N ILE A 140 -5.99 -10.49 -2.93
CA ILE A 140 -5.40 -11.74 -3.37
C ILE A 140 -6.45 -12.64 -4.03
N ASN A 141 -5.98 -13.53 -4.91
CA ASN A 141 -6.90 -14.50 -5.51
C ASN A 141 -6.40 -15.91 -5.25
N THR A 142 -7.19 -16.90 -5.70
CA THR A 142 -6.86 -18.30 -5.49
C THR A 142 -5.63 -18.73 -6.28
N GLU A 143 -5.23 -17.96 -7.29
CA GLU A 143 -4.10 -18.38 -8.13
C GLU A 143 -2.76 -17.85 -7.63
N GLY A 144 -2.71 -17.25 -6.45
CA GLY A 144 -1.45 -16.75 -5.91
C GLY A 144 -1.09 -15.34 -6.32
N ALA A 145 -1.96 -14.64 -7.04
CA ALA A 145 -1.73 -13.25 -7.40
C ALA A 145 -2.05 -12.35 -6.23
N ILE A 146 -1.41 -11.18 -6.19
CA ILE A 146 -1.73 -10.13 -5.24
C ILE A 146 -1.71 -8.82 -6.02
N LYS A 147 -2.63 -7.92 -5.68
CA LYS A 147 -2.87 -6.74 -6.52
C LYS A 147 -3.05 -5.47 -5.70
N LEU A 148 -2.49 -4.37 -6.23
CA LEU A 148 -2.64 -3.04 -5.64
C LEU A 148 -4.03 -2.49 -5.88
N ALA A 149 -4.69 -2.05 -4.80
CA ALA A 149 -6.05 -1.51 -4.90
C ALA A 149 -6.15 -0.12 -4.29
N ASP A 150 -7.14 0.63 -4.77
CA ASP A 150 -7.56 1.95 -4.26
C ASP A 150 -6.37 2.91 -4.10
N PHE A 151 -5.77 3.25 -5.24
CA PHE A 151 -4.68 4.23 -5.27
C PHE A 151 -5.14 5.59 -4.75
N GLY A 152 -4.28 6.23 -3.96
CA GLY A 152 -4.54 7.57 -3.49
C GLY A 152 -4.11 8.59 -4.53
N LEU A 153 -4.94 9.62 -4.71
CA LEU A 153 -4.69 10.67 -5.69
C LEU A 153 -3.85 11.78 -5.08
N ALA A 154 -3.21 12.57 -5.95
CA ALA A 154 -2.43 13.71 -5.47
C ALA A 154 -3.32 14.75 -4.79
N ARG A 155 -4.55 14.90 -5.26
CA ARG A 155 -5.55 15.71 -4.58
C ARG A 155 -6.80 14.86 -4.38
N ALA A 156 -7.07 14.52 -3.13
CA ALA A 156 -8.30 13.81 -2.82
C ALA A 156 -9.51 14.73 -3.03
N PHE A 157 -10.69 14.11 -3.05
CA PHE A 157 -11.94 14.84 -3.24
C PHE A 157 -13.05 13.97 -2.68
N GLY A 158 -14.16 14.61 -2.36
CA GLY A 158 -15.33 13.88 -1.92
C GLY A 158 -15.66 14.15 -0.46
N VAL A 159 -16.90 13.85 -0.10
CA VAL A 159 -17.43 14.17 1.21
C VAL A 159 -16.98 13.13 2.22
N VAL A 168 -9.05 5.34 11.81
CA VAL A 168 -8.77 4.30 10.83
C VAL A 168 -7.29 3.94 10.93
N VAL A 169 -6.57 4.70 11.76
CA VAL A 169 -5.15 4.52 12.08
C VAL A 169 -4.36 4.09 10.84
N THR A 170 -4.56 4.84 9.74
CA THR A 170 -3.76 4.77 8.51
C THR A 170 -2.41 5.49 8.63
N LEU A 171 -1.75 5.34 9.77
CA LEU A 171 -0.44 5.92 10.00
C LEU A 171 0.68 4.90 9.96
N TRP A 172 0.37 3.61 10.16
CA TRP A 172 1.37 2.62 10.49
C TRP A 172 2.38 2.45 9.36
N TYR A 173 1.96 2.74 8.13
CA TYR A 173 2.75 2.47 6.94
C TYR A 173 3.22 3.75 6.27
N ARG A 174 3.07 4.89 6.94
CA ARG A 174 3.39 6.19 6.37
CA ARG A 174 3.40 6.18 6.36
C ARG A 174 4.90 6.44 6.47
N ALA A 175 5.49 6.88 5.36
CA ALA A 175 6.91 7.18 5.29
C ALA A 175 7.28 8.39 6.16
N PRO A 176 8.50 8.43 6.69
CA PRO A 176 8.87 9.54 7.60
C PRO A 176 8.88 10.90 6.91
N GLU A 177 9.18 10.99 5.62
CA GLU A 177 9.17 12.30 4.96
C GLU A 177 7.75 12.88 4.90
N ILE A 178 6.73 12.03 4.77
CA ILE A 178 5.36 12.50 4.86
C ILE A 178 5.07 13.03 6.26
N LEU A 179 5.48 12.29 7.29
CA LEU A 179 5.23 12.71 8.67
C LEU A 179 5.99 14.01 8.99
N LEU A 180 7.11 14.26 8.34
CA LEU A 180 7.91 15.44 8.59
C LEU A 180 7.52 16.64 7.72
N GLY A 181 6.43 16.53 6.97
CA GLY A 181 5.84 17.66 6.27
C GLY A 181 6.30 17.85 4.84
N CYS A 182 6.91 16.85 4.23
CA CYS A 182 7.35 16.99 2.85
C CYS A 182 6.12 17.11 1.97
N LYS A 183 6.02 18.21 1.22
CA LYS A 183 4.85 18.43 0.41
C LYS A 183 4.96 17.71 -0.93
N TYR A 184 6.18 17.54 -1.43
CA TYR A 184 6.38 17.03 -2.77
C TYR A 184 7.11 15.70 -2.73
N TYR A 185 6.53 14.72 -2.06
CA TYR A 185 7.23 13.45 -1.86
C TYR A 185 7.18 12.60 -3.12
N SER A 186 7.85 11.45 -3.06
CA SER A 186 8.22 10.69 -4.24
C SER A 186 7.66 9.27 -4.16
N THR A 187 7.92 8.52 -5.23
CA THR A 187 7.59 7.09 -5.24
C THR A 187 8.23 6.33 -4.09
N ALA A 188 9.26 6.89 -3.46
CA ALA A 188 9.89 6.23 -2.32
C ALA A 188 8.92 6.00 -1.17
N VAL A 189 7.83 6.78 -1.07
CA VAL A 189 6.90 6.57 0.04
C VAL A 189 6.22 5.22 -0.09
N ASP A 190 5.99 4.73 -1.32
CA ASP A 190 5.39 3.41 -1.48
C ASP A 190 6.35 2.29 -1.10
N ILE A 191 7.65 2.49 -1.35
CA ILE A 191 8.63 1.46 -0.98
C ILE A 191 8.69 1.33 0.54
N TRP A 192 8.65 2.48 1.25
CA TRP A 192 8.59 2.47 2.71
C TRP A 192 7.39 1.66 3.20
N SER A 193 6.18 2.01 2.73
CA SER A 193 4.98 1.30 3.15
C SER A 193 5.11 -0.20 2.88
N LEU A 194 5.64 -0.56 1.72
CA LEU A 194 5.73 -1.98 1.41
C LEU A 194 6.74 -2.67 2.32
N GLY A 195 7.82 -1.98 2.69
CA GLY A 195 8.74 -2.55 3.67
C GLY A 195 8.06 -2.83 5.00
N CYS A 196 7.23 -1.89 5.47
CA CYS A 196 6.49 -2.11 6.71
C CYS A 196 5.57 -3.32 6.59
N ILE A 197 4.95 -3.50 5.41
CA ILE A 197 4.10 -4.66 5.18
C ILE A 197 4.91 -5.95 5.13
N PHE A 198 6.07 -5.92 4.43
CA PHE A 198 6.99 -7.07 4.41
C PHE A 198 7.31 -7.53 5.83
N ALA A 199 7.75 -6.61 6.70
CA ALA A 199 8.12 -6.97 8.07
C ALA A 199 6.93 -7.56 8.82
N GLU A 200 5.74 -7.01 8.59
CA GLU A 200 4.56 -7.49 9.28
C GLU A 200 4.20 -8.91 8.86
N MET A 201 4.37 -9.24 7.56
CA MET A 201 4.09 -10.61 7.12
C MET A 201 5.03 -11.59 7.81
N VAL A 202 6.29 -11.19 7.97
CA VAL A 202 7.29 -12.09 8.56
C VAL A 202 7.02 -12.28 10.04
N THR A 203 6.84 -11.17 10.79
CA THR A 203 6.78 -11.24 12.25
C THR A 203 5.38 -11.47 12.81
N ARG A 204 4.33 -11.27 12.00
CA ARG A 204 2.94 -11.31 12.42
C ARG A 204 2.60 -10.19 13.44
N ARG A 205 3.40 -9.12 13.46
CA ARG A 205 3.10 -7.90 14.20
C ARG A 205 3.36 -6.69 13.32
N ALA A 206 2.53 -5.67 13.46
CA ALA A 206 2.81 -4.41 12.77
C ALA A 206 4.16 -3.86 13.24
N LEU A 207 4.92 -3.36 12.28
CA LEU A 207 6.28 -2.90 12.60
C LEU A 207 6.23 -1.63 13.43
N PHE A 208 5.45 -0.65 12.99
CA PHE A 208 5.38 0.68 13.62
C PHE A 208 3.92 1.01 13.88
N PRO A 209 3.30 0.43 14.92
CA PRO A 209 1.84 0.65 15.10
C PRO A 209 1.51 1.93 15.86
N GLY A 210 1.81 3.08 15.24
CA GLY A 210 1.57 4.35 15.88
C GLY A 210 0.09 4.71 15.95
N ASP A 211 -0.25 5.53 16.93
CA ASP A 211 -1.62 5.97 17.06
C ASP A 211 -1.80 7.47 16.98
N SER A 212 -0.74 8.21 16.74
CA SER A 212 -0.83 9.63 16.42
C SER A 212 0.32 9.92 15.48
N GLU A 213 0.28 11.08 14.83
CA GLU A 213 1.35 11.37 13.88
C GLU A 213 2.70 11.40 14.58
N ILE A 214 2.74 11.92 15.80
CA ILE A 214 4.02 12.04 16.50
C ILE A 214 4.42 10.70 17.08
N ASP A 215 3.46 9.92 17.57
CA ASP A 215 3.77 8.59 18.06
C ASP A 215 4.26 7.70 16.92
N GLN A 216 3.70 7.86 15.72
CA GLN A 216 4.21 7.14 14.57
C GLN A 216 5.66 7.52 14.30
N LEU A 217 5.93 8.82 14.21
CA LEU A 217 7.29 9.25 13.97
C LEU A 217 8.23 8.72 15.05
N PHE A 218 7.82 8.83 16.33
CA PHE A 218 8.74 8.45 17.41
C PHE A 218 8.92 6.95 17.51
N ARG A 219 7.91 6.15 17.13
CA ARG A 219 8.14 4.72 17.02
C ARG A 219 9.16 4.39 15.94
N ILE A 220 9.10 5.09 14.80
CA ILE A 220 10.11 4.91 13.77
C ILE A 220 11.48 5.28 14.32
N PHE A 221 11.55 6.41 15.04
CA PHE A 221 12.84 6.89 15.55
C PHE A 221 13.43 5.91 16.56
N ARG A 222 12.59 5.36 17.46
CA ARG A 222 13.07 4.45 18.50
C ARG A 222 13.66 3.18 17.90
N THR A 223 13.22 2.77 16.72
CA THR A 223 13.70 1.55 16.09
C THR A 223 14.89 1.83 15.16
N LEU A 224 14.74 2.78 14.25
CA LEU A 224 15.78 3.06 13.26
C LEU A 224 16.77 4.12 13.72
N GLY A 225 16.56 4.72 14.89
CA GLY A 225 17.40 5.83 15.34
C GLY A 225 16.85 7.15 14.87
N THR A 226 17.03 8.17 15.70
CA THR A 226 16.57 9.50 15.28
C THR A 226 17.43 9.96 14.11
N PRO A 227 16.83 10.32 12.98
CA PRO A 227 17.64 10.70 11.81
C PRO A 227 18.34 12.01 12.05
N ASP A 228 19.48 12.19 11.39
CA ASP A 228 20.20 13.45 11.43
C ASP A 228 20.76 13.72 10.04
N GLU A 229 21.52 14.81 9.94
CA GLU A 229 22.05 15.22 8.64
C GLU A 229 23.03 14.22 8.06
N VAL A 230 23.68 13.39 8.88
CA VAL A 230 24.60 12.37 8.37
C VAL A 230 23.83 11.32 7.59
N VAL A 231 22.79 10.74 8.18
CA VAL A 231 22.08 9.69 7.47
C VAL A 231 21.00 10.24 6.52
N TRP A 232 20.50 11.46 6.76
CA TRP A 232 19.43 12.04 5.93
C TRP A 232 19.69 13.52 5.69
N PRO A 233 20.53 13.85 4.71
CA PRO A 233 20.84 15.27 4.47
C PRO A 233 19.57 16.03 4.13
N GLY A 234 19.38 17.14 4.82
CA GLY A 234 18.18 17.94 4.66
C GLY A 234 17.11 17.71 5.70
N VAL A 235 17.25 16.67 6.52
CA VAL A 235 16.15 16.34 7.42
C VAL A 235 15.87 17.48 8.40
N THR A 236 16.92 18.15 8.87
CA THR A 236 16.72 19.16 9.90
C THR A 236 16.11 20.44 9.32
N SER A 237 15.93 20.53 7.99
CA SER A 237 15.23 21.62 7.33
C SER A 237 13.77 21.30 6.99
N MET A 238 13.30 20.08 7.22
CA MET A 238 11.96 19.74 6.75
C MET A 238 10.89 20.47 7.56
N PRO A 239 9.75 20.75 6.94
CA PRO A 239 8.78 21.69 7.57
C PRO A 239 8.42 21.35 9.00
N ASP A 240 8.32 20.06 9.35
CA ASP A 240 7.83 19.68 10.68
C ASP A 240 8.91 19.05 11.54
N TYR A 241 10.18 19.16 11.14
CA TYR A 241 11.26 18.72 12.02
C TYR A 241 11.36 19.70 13.20
N LYS A 242 11.56 19.16 14.39
CA LYS A 242 11.84 19.97 15.56
C LYS A 242 13.19 19.56 16.13
N PRO A 243 14.10 20.51 16.39
CA PRO A 243 15.35 20.17 17.09
C PRO A 243 15.11 19.49 18.42
N SER A 244 13.93 19.69 19.02
CA SER A 244 13.59 19.09 20.30
C SER A 244 13.15 17.63 20.18
N PHE A 245 13.21 17.03 18.98
CA PHE A 245 13.03 15.59 18.87
C PHE A 245 14.03 14.86 19.76
N PRO A 246 13.58 13.90 20.57
CA PRO A 246 14.52 13.07 21.32
C PRO A 246 15.45 12.31 20.39
N LYS A 247 16.68 12.11 20.84
CA LYS A 247 17.70 11.42 20.06
C LYS A 247 17.80 9.98 20.58
N TRP A 248 17.18 9.05 19.84
CA TRP A 248 17.25 7.63 20.12
C TRP A 248 18.32 6.98 19.24
N ALA A 249 19.00 5.98 19.80
CA ALA A 249 19.93 5.17 19.03
C ALA A 249 19.19 4.11 18.23
N ARG A 250 19.76 3.76 17.08
CA ARG A 250 19.23 2.71 16.23
C ARG A 250 19.45 1.32 16.86
N GLN A 251 18.49 0.42 16.63
CA GLN A 251 18.58 -0.97 17.04
C GLN A 251 19.10 -1.84 15.88
N ASP A 252 19.35 -3.13 16.18
CA ASP A 252 19.77 -4.08 15.16
C ASP A 252 18.56 -4.70 14.48
N PHE A 253 18.64 -4.82 13.15
CA PHE A 253 17.57 -5.50 12.41
C PHE A 253 17.38 -6.94 12.86
N SER A 254 18.39 -7.55 13.47
CA SER A 254 18.21 -8.90 14.00
C SER A 254 17.15 -8.90 15.10
N LYS A 255 17.01 -7.78 15.81
CA LYS A 255 15.96 -7.59 16.80
C LYS A 255 14.62 -7.26 16.16
N VAL A 256 14.63 -6.67 14.96
CA VAL A 256 13.41 -6.09 14.39
C VAL A 256 12.56 -7.14 13.69
N VAL A 257 13.14 -7.94 12.81
CA VAL A 257 12.30 -8.88 12.07
C VAL A 257 12.75 -10.34 12.17
N PRO A 258 13.20 -10.83 13.33
CA PRO A 258 13.52 -12.26 13.43
C PRO A 258 12.30 -13.11 13.09
N PRO A 259 12.47 -14.24 12.41
CA PRO A 259 13.74 -14.88 12.03
C PRO A 259 14.10 -14.67 10.55
N LEU A 260 13.77 -13.52 9.96
CA LEU A 260 14.07 -13.27 8.55
C LEU A 260 15.56 -13.49 8.29
N ASP A 261 15.85 -14.21 7.21
CA ASP A 261 17.23 -14.43 6.84
C ASP A 261 17.90 -13.12 6.41
N GLU A 262 19.24 -13.17 6.33
CA GLU A 262 20.03 -11.97 6.09
C GLU A 262 19.76 -11.36 4.71
N ASP A 263 19.36 -12.17 3.72
CA ASP A 263 18.96 -11.59 2.43
C ASP A 263 17.72 -10.72 2.59
N GLY A 264 16.71 -11.23 3.30
CA GLY A 264 15.50 -10.45 3.50
C GLY A 264 15.71 -9.25 4.40
N ARG A 265 16.50 -9.41 5.46
CA ARG A 265 16.87 -8.27 6.31
C ARG A 265 17.62 -7.21 5.52
N SER A 266 18.53 -7.63 4.64
CA SER A 266 19.26 -6.66 3.82
C SER A 266 18.29 -5.87 2.95
N LEU A 267 17.41 -6.58 2.25
CA LEU A 267 16.42 -5.90 1.40
C LEU A 267 15.56 -4.97 2.25
N LEU A 268 15.05 -5.45 3.38
CA LEU A 268 14.18 -4.60 4.20
C LEU A 268 14.90 -3.34 4.65
N SER A 269 16.16 -3.48 5.07
CA SER A 269 16.97 -2.31 5.46
C SER A 269 16.99 -1.27 4.35
N GLN A 270 17.12 -1.71 3.10
CA GLN A 270 17.18 -0.75 2.00
C GLN A 270 15.82 -0.15 1.69
N MET A 271 14.75 -0.87 2.01
CA MET A 271 13.41 -0.35 1.82
C MET A 271 13.06 0.65 2.90
N LEU A 272 13.76 0.61 4.03
CA LEU A 272 13.46 1.47 5.18
C LEU A 272 14.50 2.56 5.39
N HIS A 273 15.30 2.87 4.37
CA HIS A 273 16.26 3.97 4.52
C HIS A 273 15.51 5.28 4.78
N TYR A 274 16.05 6.11 5.69
CA TYR A 274 15.43 7.40 5.96
C TYR A 274 15.42 8.27 4.71
N ASP A 275 16.59 8.42 4.09
CA ASP A 275 16.78 9.30 2.94
C ASP A 275 16.07 8.75 1.72
N PRO A 276 15.03 9.41 1.21
CA PRO A 276 14.38 8.94 -0.03
C PRO A 276 15.34 8.81 -1.21
N ASN A 277 16.44 9.56 -1.20
CA ASN A 277 17.49 9.38 -2.22
C ASN A 277 18.26 8.09 -2.04
N LYS A 278 18.29 7.50 -0.85
CA LYS A 278 18.99 6.24 -0.68
C LYS A 278 18.07 5.04 -0.67
N ARG A 279 16.80 5.22 -0.29
CA ARG A 279 15.82 4.13 -0.27
C ARG A 279 15.73 3.44 -1.63
N ILE A 280 15.75 2.11 -1.61
CA ILE A 280 15.82 1.34 -2.85
C ILE A 280 14.58 1.59 -3.70
N SER A 281 14.76 1.60 -5.02
CA SER A 281 13.62 1.69 -5.91
C SER A 281 12.97 0.32 -6.05
N ALA A 282 11.72 0.33 -6.52
CA ALA A 282 11.05 -0.94 -6.79
C ALA A 282 11.84 -1.77 -7.79
N LYS A 283 12.37 -1.11 -8.83
CA LYS A 283 13.09 -1.78 -9.90
C LYS A 283 14.41 -2.39 -9.40
N ALA A 284 15.20 -1.63 -8.63
CA ALA A 284 16.40 -2.22 -8.05
C ALA A 284 16.06 -3.34 -7.08
N ALA A 285 14.96 -3.19 -6.33
CA ALA A 285 14.59 -4.21 -5.36
C ALA A 285 14.27 -5.56 -6.04
N LEU A 286 13.73 -5.54 -7.26
CA LEU A 286 13.48 -6.80 -7.97
C LEU A 286 14.76 -7.58 -8.25
N ALA A 287 15.91 -6.91 -8.30
CA ALA A 287 17.19 -7.55 -8.56
C ALA A 287 17.89 -8.02 -7.29
N HIS A 288 17.32 -7.76 -6.12
CA HIS A 288 18.01 -8.08 -4.86
C HIS A 288 18.18 -9.59 -4.75
N PRO A 289 19.30 -10.05 -4.16
CA PRO A 289 19.53 -11.51 -4.07
C PRO A 289 18.47 -12.26 -3.25
N PHE A 290 17.70 -11.58 -2.40
CA PHE A 290 16.56 -12.22 -1.73
C PHE A 290 15.65 -12.90 -2.75
N PHE A 291 15.61 -12.42 -3.99
CA PHE A 291 14.67 -12.94 -4.97
C PHE A 291 15.27 -13.99 -5.92
N GLN A 292 16.48 -14.48 -5.65
CA GLN A 292 17.09 -15.49 -6.52
C GLN A 292 16.22 -16.75 -6.62
N ASP A 293 15.51 -17.12 -5.55
CA ASP A 293 14.71 -18.35 -5.55
C ASP A 293 13.20 -18.08 -5.48
N VAL A 294 12.74 -16.95 -6.01
CA VAL A 294 11.32 -16.63 -5.96
C VAL A 294 10.55 -17.64 -6.79
N THR A 295 9.37 -18.00 -6.30
CA THR A 295 8.44 -18.88 -6.98
C THR A 295 7.05 -18.26 -6.81
N LYS A 296 6.03 -18.93 -7.34
CA LYS A 296 4.66 -18.45 -7.20
C LYS A 296 3.81 -19.56 -6.58
N PRO A 297 3.81 -19.68 -5.24
CA PRO A 297 3.01 -20.72 -4.58
C PRO A 297 1.52 -20.42 -4.64
N VAL A 298 0.75 -21.46 -4.36
CA VAL A 298 -0.70 -21.38 -4.24
C VAL A 298 -1.04 -21.15 -2.78
N PRO A 299 -1.74 -20.08 -2.43
CA PRO A 299 -2.18 -19.89 -1.04
C PRO A 299 -3.39 -20.77 -0.72
N HIS A 300 -3.48 -21.16 0.55
CA HIS A 300 -4.63 -21.84 1.13
C HIS A 300 -5.66 -20.77 1.47
N LEU A 301 -6.66 -20.61 0.63
CA LEU A 301 -7.59 -19.50 0.72
C LEU A 301 -8.97 -20.02 1.06
N ARG A 302 -9.52 -19.57 2.19
CA ARG A 302 -10.89 -19.90 2.57
C ARG A 302 -11.80 -18.72 2.22
N LEU A 303 -12.71 -18.94 1.27
CA LEU A 303 -13.62 -17.89 0.84
C LEU A 303 -15.05 -18.20 1.30
C11 A1D60 B . -11.31 -1.82 -4.11
O12 A1D60 B . -10.82 -1.60 -5.21
C13 A1D60 B . -11.30 -0.74 -3.06
C14 A1D60 B . -10.71 -1.04 -1.77
C15 A1D60 B . -10.68 -0.08 -0.70
C16 A1D60 B . -11.29 1.18 -0.97
C18 A1D60 B . -11.91 0.52 -3.27
C21 A1D60 B . -9.99 -0.52 0.68
C17 A1D60 B . -11.90 1.52 -2.23
C22 A1D60 B . -14.01 -8.14 -0.57
C02 A1D60 B . -12.38 -5.48 -4.24
C03 A1D60 B . -11.99 -4.16 -4.64
C04 A1D60 B . -11.74 -4.23 -6.02
C06 A1D60 B . -12.65 -5.87 -2.83
C10 A1D60 B . -12.64 -7.88 -1.17
C23 A1D60 B . -13.82 -9.17 0.56
C25 A1D60 B . -11.83 -7.69 1.22
C26 A1D60 B . -11.69 -7.17 -0.20
C27 A1D60 B . -11.00 -0.92 1.78
C28 A1D60 B . -10.35 -1.12 3.18
C30 A1D60 B . -8.49 0.22 2.64
C31 A1D60 B . -9.01 0.56 1.24
C34 A1D60 B . -12.94 -8.68 4.17
C35 A1D60 B . -12.97 -9.39 5.54
F19 A1D60 B . -10.19 -2.20 -1.57
F20 A1D60 B . -12.43 0.74 -4.42
N01 A1D60 B . -12.29 -6.31 -5.29
N05 A1D60 B . -11.93 -5.56 -6.36
N07 A1D60 B . -11.90 -3.04 -3.85
N09 A1D60 B . -12.60 -7.19 -2.46
N24 A1D60 B . -12.51 -9.01 1.38
O08 A1D60 B . -12.89 -5.00 -1.99
O29 A1D60 B . -9.58 0.01 3.51
O33 A1D60 B . -10.89 -9.97 3.06
O36 A1D60 B . -13.03 -10.98 2.89
S32 A1D60 B . -12.30 -9.77 2.86
#